data_2ANS
#
_entry.id   2ANS
#
_cell.length_a   80.800
_cell.length_b   96.100
_cell.length_c   49.900
_cell.angle_alpha   90.00
_cell.angle_beta   90.00
_cell.angle_gamma   90.00
#
_symmetry.space_group_name_H-M   'P 21 21 21'
#
loop_
_entity.id
_entity.type
_entity.pdbx_description
1 polymer 'ADIPOCYTE LIPID-BINDING PROTEIN'
2 non-polymer 'CHLORIDE ION'
3 non-polymer '8-ANILINO-1-NAPHTHALENE SULFONATE'
4 water water
#
_entity_poly.entity_id   1
_entity_poly.type   'polypeptide(L)'
_entity_poly.pdbx_seq_one_letter_code
;CDAFVGTWKLVSSENFDDYMKEVGVGFATRKVAGMAKPNMIISVNGDLVTIRSESTFKNTEISFKLGVEFDEITADDRKV
KSIITLDGGALVQVQKWDGKSTTIKRKRDGDKLVVECVMKGVTSTRVYERA
;
_entity_poly.pdbx_strand_id   A,B
#
# COMPACT_ATOMS: atom_id res chain seq x y z
N CYS A 1 -13.15 10.60 13.01
CA CYS A 1 -12.21 9.91 12.07
C CYS A 1 -10.80 10.52 12.18
N ASP A 2 -10.74 11.69 12.78
CA ASP A 2 -9.48 12.41 12.95
C ASP A 2 -8.74 12.02 14.24
N ALA A 3 -9.40 11.25 15.09
CA ALA A 3 -8.80 10.80 16.35
C ALA A 3 -7.76 9.71 16.13
N PHE A 4 -7.85 9.02 15.00
CA PHE A 4 -6.94 7.93 14.67
C PHE A 4 -5.72 8.39 13.88
N VAL A 5 -5.75 9.60 13.35
CA VAL A 5 -4.64 10.14 12.57
C VAL A 5 -3.36 10.23 13.39
N GLY A 6 -2.27 9.75 12.81
CA GLY A 6 -0.99 9.80 13.50
C GLY A 6 -0.13 8.57 13.25
N THR A 7 1.05 8.56 13.88
CA THR A 7 1.98 7.44 13.77
C THR A 7 2.07 6.71 15.10
N TRP A 8 1.55 5.49 15.13
CA TRP A 8 1.53 4.67 16.33
C TRP A 8 2.50 3.50 16.25
N LYS A 9 3.03 3.09 17.39
CA LYS A 9 3.95 1.96 17.45
C LYS A 9 3.41 0.96 18.45
N LEU A 10 3.54 -0.32 18.12
CA LEU A 10 3.06 -1.41 18.98
C LEU A 10 3.80 -1.43 20.32
N VAL A 11 3.06 -1.72 21.39
CA VAL A 11 3.65 -1.80 22.71
C VAL A 11 3.15 -3.02 23.46
N SER A 12 2.08 -3.63 22.96
CA SER A 12 1.50 -4.81 23.60
C SER A 12 0.78 -5.70 22.58
N SER A 13 0.90 -7.01 22.78
CA SER A 13 0.26 -8.00 21.91
C SER A 13 -0.16 -9.18 22.75
N GLU A 14 -1.41 -9.60 22.60
CA GLU A 14 -1.95 -10.72 23.36
C GLU A 14 -2.81 -11.59 22.46
N ASN A 15 -2.54 -12.90 22.47
CA ASN A 15 -3.28 -13.88 21.66
C ASN A 15 -3.15 -13.69 20.16
N PHE A 16 -2.11 -12.99 19.72
CA PHE A 16 -1.91 -12.76 18.30
C PHE A 16 -1.62 -14.07 17.56
N ASP A 17 -0.96 -15.01 18.23
CA ASP A 17 -0.64 -16.29 17.60
C ASP A 17 -1.89 -17.17 17.46
N ASP A 18 -2.80 -17.10 18.44
CA ASP A 18 -4.05 -17.87 18.40
C ASP A 18 -4.97 -17.34 17.30
N TYR A 19 -4.88 -16.02 17.07
CA TYR A 19 -5.70 -15.35 16.06
C TYR A 19 -5.20 -15.69 14.65
N MET A 20 -3.89 -15.61 14.44
CA MET A 20 -3.29 -15.94 13.16
C MET A 20 -3.55 -17.39 12.79
N LYS A 21 -3.53 -18.26 13.81
CA LYS A 21 -3.79 -19.67 13.62
C LYS A 21 -5.19 -19.87 13.05
N GLU A 22 -6.16 -19.20 13.67
CA GLU A 22 -7.56 -19.29 13.24
C GLU A 22 -7.82 -18.79 11.82
N VAL A 23 -7.11 -17.74 11.40
CA VAL A 23 -7.29 -17.23 10.05
C VAL A 23 -6.59 -18.13 9.04
N GLY A 24 -5.78 -19.06 9.53
CA GLY A 24 -5.10 -20.01 8.68
C GLY A 24 -3.64 -19.78 8.33
N VAL A 25 -2.99 -18.82 8.99
CA VAL A 25 -1.58 -18.51 8.75
C VAL A 25 -0.69 -19.73 9.06
N GLY A 26 0.36 -19.89 8.25
CA GLY A 26 1.27 -21.01 8.43
C GLY A 26 2.16 -20.91 9.65
N PHE A 27 2.52 -22.06 10.20
CA PHE A 27 3.36 -22.17 11.39
C PHE A 27 4.61 -21.28 11.37
N ALA A 28 5.38 -21.39 10.29
CA ALA A 28 6.61 -20.62 10.15
C ALA A 28 6.35 -19.14 9.94
N THR A 29 5.22 -18.81 9.33
CA THR A 29 4.87 -17.42 9.08
C THR A 29 4.35 -16.79 10.38
N ARG A 30 3.63 -17.57 11.18
CA ARG A 30 3.12 -17.07 12.47
C ARG A 30 4.30 -16.72 13.36
N LYS A 31 5.36 -17.52 13.24
CA LYS A 31 6.58 -17.33 14.00
C LYS A 31 7.24 -15.98 13.75
N VAL A 32 7.56 -15.68 12.48
CA VAL A 32 8.21 -14.42 12.15
C VAL A 32 7.29 -13.21 12.28
N ALA A 33 5.99 -13.42 12.05
CA ALA A 33 5.00 -12.35 12.13
C ALA A 33 4.79 -11.89 13.57
N GLY A 34 4.88 -12.83 14.51
CA GLY A 34 4.71 -12.50 15.92
C GLY A 34 5.91 -11.76 16.49
N MET A 35 7.08 -11.99 15.90
CA MET A 35 8.32 -11.35 16.33
C MET A 35 8.42 -9.92 15.85
N ALA A 36 7.45 -9.49 15.06
CA ALA A 36 7.44 -8.14 14.52
C ALA A 36 6.64 -7.14 15.36
N LYS A 37 7.22 -5.94 15.51
CA LYS A 37 6.61 -4.84 16.24
C LYS A 37 6.32 -3.76 15.19
N PRO A 38 5.22 -3.93 14.43
CA PRO A 38 4.86 -2.97 13.39
C PRO A 38 4.45 -1.59 13.84
N ASN A 39 4.55 -0.65 12.91
CA ASN A 39 4.16 0.73 13.14
C ASN A 39 2.97 1.03 12.24
N MET A 40 1.88 1.47 12.84
CA MET A 40 0.69 1.81 12.10
C MET A 40 0.71 3.30 11.85
N ILE A 41 0.54 3.70 10.59
CA ILE A 41 0.54 5.11 10.20
C ILE A 41 -0.78 5.43 9.52
N ILE A 42 -1.63 6.19 10.20
CA ILE A 42 -2.94 6.54 9.67
C ILE A 42 -2.99 7.98 9.19
N SER A 43 -3.53 8.17 8.00
CA SER A 43 -3.63 9.49 7.40
C SER A 43 -4.92 9.67 6.62
N VAL A 44 -5.31 10.92 6.41
CA VAL A 44 -6.54 11.24 5.68
C VAL A 44 -6.30 12.35 4.66
N ASN A 45 -6.92 12.22 3.50
CA ASN A 45 -6.83 13.21 2.42
C ASN A 45 -8.24 13.29 1.88
N GLY A 46 -8.96 14.32 2.27
CA GLY A 46 -10.34 14.47 1.84
C GLY A 46 -11.19 13.36 2.40
N ASP A 47 -11.76 12.55 1.53
CA ASP A 47 -12.60 11.42 1.92
C ASP A 47 -11.86 10.09 1.81
N LEU A 48 -10.54 10.17 1.67
CA LEU A 48 -9.74 8.97 1.53
C LEU A 48 -8.88 8.77 2.77
N VAL A 49 -9.00 7.58 3.37
CA VAL A 49 -8.23 7.25 4.58
C VAL A 49 -7.14 6.24 4.22
N THR A 50 -5.97 6.42 4.82
CA THR A 50 -4.82 5.56 4.57
C THR A 50 -4.28 4.93 5.84
N ILE A 51 -4.14 3.61 5.84
CA ILE A 51 -3.57 2.89 6.97
C ILE A 51 -2.34 2.15 6.47
N ARG A 52 -1.18 2.70 6.78
CA ARG A 52 0.09 2.10 6.38
C ARG A 52 0.66 1.35 7.58
N SER A 53 1.17 0.15 7.33
CA SER A 53 1.76 -0.67 8.38
C SER A 53 3.16 -1.09 7.93
N GLU A 54 4.16 -0.77 8.74
CA GLU A 54 5.54 -1.10 8.41
C GLU A 54 6.23 -1.98 9.46
N SER A 55 6.90 -3.02 8.98
CA SER A 55 7.61 -3.96 9.84
C SER A 55 8.66 -4.74 9.06
N THR A 56 9.39 -5.59 9.77
CA THR A 56 10.44 -6.43 9.18
C THR A 56 9.78 -7.51 8.34
N PHE A 57 8.67 -8.03 8.85
CA PHE A 57 7.87 -9.08 8.22
C PHE A 57 7.35 -8.67 6.84
N LYS A 58 6.66 -7.53 6.78
CA LYS A 58 6.09 -7.02 5.52
C LYS A 58 5.49 -5.63 5.69
N ASN A 59 5.52 -4.85 4.62
CA ASN A 59 4.95 -3.50 4.62
C ASN A 59 3.65 -3.54 3.84
N THR A 60 2.59 -2.96 4.41
CA THR A 60 1.29 -2.92 3.73
C THR A 60 0.72 -1.51 3.73
N GLU A 61 -0.25 -1.27 2.85
CA GLU A 61 -0.89 0.04 2.75
C GLU A 61 -2.24 -0.05 2.05
N ILE A 62 -3.28 0.32 2.77
CA ILE A 62 -4.62 0.34 2.20
C ILE A 62 -5.21 1.73 2.29
N SER A 63 -5.77 2.19 1.17
CA SER A 63 -6.43 3.47 1.07
C SER A 63 -7.89 3.12 0.83
N PHE A 64 -8.80 3.78 1.52
CA PHE A 64 -10.21 3.48 1.39
C PHE A 64 -11.11 4.67 1.71
N LYS A 65 -12.40 4.49 1.43
CA LYS A 65 -13.41 5.49 1.72
C LYS A 65 -14.34 4.77 2.68
N LEU A 66 -14.68 5.43 3.78
CA LEU A 66 -15.56 4.84 4.79
C LEU A 66 -16.84 4.26 4.22
N GLY A 67 -17.17 3.05 4.62
CA GLY A 67 -18.40 2.41 4.16
C GLY A 67 -18.45 1.88 2.74
N VAL A 68 -17.37 2.05 1.98
CA VAL A 68 -17.33 1.56 0.61
C VAL A 68 -16.39 0.35 0.53
N GLU A 69 -16.94 -0.76 0.05
CA GLU A 69 -16.19 -2.01 -0.08
C GLU A 69 -14.99 -1.89 -1.03
N PHE A 70 -13.90 -2.55 -0.68
CA PHE A 70 -12.69 -2.53 -1.50
C PHE A 70 -11.96 -3.85 -1.44
N ASP A 71 -11.06 -4.08 -2.39
CA ASP A 71 -10.28 -5.32 -2.46
C ASP A 71 -8.99 -5.12 -1.70
N GLU A 72 -8.60 -6.13 -0.93
CA GLU A 72 -7.39 -6.04 -0.12
C GLU A 72 -6.58 -7.32 -0.15
N ILE A 73 -5.26 -7.16 -0.20
CA ILE A 73 -4.32 -8.27 -0.18
C ILE A 73 -3.67 -8.12 1.19
N THR A 74 -4.06 -8.96 2.12
CA THR A 74 -3.52 -8.90 3.47
C THR A 74 -2.05 -9.31 3.49
N ALA A 75 -1.37 -8.95 4.57
CA ALA A 75 0.05 -9.27 4.73
C ALA A 75 0.30 -10.78 4.64
N ASP A 76 -0.62 -11.58 5.17
CA ASP A 76 -0.47 -13.04 5.12
C ASP A 76 -0.95 -13.61 3.78
N ASP A 77 -1.11 -12.72 2.81
CA ASP A 77 -1.52 -13.07 1.44
C ASP A 77 -2.90 -13.62 1.15
N ARG A 78 -3.91 -13.04 1.78
CA ARG A 78 -5.28 -13.44 1.54
C ARG A 78 -5.90 -12.37 0.65
N LYS A 79 -6.65 -12.76 -0.36
CA LYS A 79 -7.33 -11.79 -1.22
C LYS A 79 -8.73 -11.68 -0.61
N VAL A 80 -8.95 -10.61 0.13
CA VAL A 80 -10.22 -10.39 0.82
C VAL A 80 -10.99 -9.17 0.33
N LYS A 81 -12.27 -9.13 0.68
CA LYS A 81 -13.15 -7.99 0.36
C LYS A 81 -13.34 -7.31 1.71
N SER A 82 -12.88 -6.06 1.81
CA SER A 82 -13.00 -5.31 3.05
C SER A 82 -14.04 -4.20 3.03
N ILE A 83 -14.46 -3.82 4.23
CA ILE A 83 -15.44 -2.76 4.44
C ILE A 83 -15.13 -2.18 5.84
N ILE A 84 -14.82 -0.88 5.87
CA ILE A 84 -14.49 -0.19 7.11
C ILE A 84 -15.52 0.88 7.43
N THR A 85 -16.08 0.81 8.64
CA THR A 85 -17.08 1.77 9.09
C THR A 85 -16.70 2.45 10.40
N LEU A 86 -17.25 3.65 10.61
CA LEU A 86 -17.02 4.40 11.85
C LEU A 86 -18.23 4.02 12.68
N ASP A 87 -18.04 2.97 13.48
CA ASP A 87 -19.07 2.39 14.33
C ASP A 87 -18.77 2.67 15.80
N GLY A 88 -19.71 3.33 16.47
CA GLY A 88 -19.54 3.66 17.89
C GLY A 88 -18.23 4.39 18.19
N GLY A 89 -17.81 5.25 17.27
CA GLY A 89 -16.57 5.99 17.45
C GLY A 89 -15.31 5.17 17.21
N ALA A 90 -15.50 3.94 16.71
CA ALA A 90 -14.38 3.05 16.42
C ALA A 90 -14.38 2.61 14.96
N LEU A 91 -13.20 2.58 14.34
CA LEU A 91 -13.10 2.13 12.95
C LEU A 91 -13.25 0.63 13.04
N VAL A 92 -14.30 0.10 12.42
CA VAL A 92 -14.53 -1.33 12.44
C VAL A 92 -14.36 -1.88 11.03
N GLN A 93 -13.38 -2.77 10.87
CA GLN A 93 -13.10 -3.37 9.59
C GLN A 93 -13.53 -4.82 9.53
N VAL A 94 -14.27 -5.17 8.48
CA VAL A 94 -14.71 -6.55 8.31
C VAL A 94 -14.10 -7.07 7.00
N GLN A 95 -13.47 -8.24 7.08
CA GLN A 95 -12.85 -8.86 5.91
C GLN A 95 -13.55 -10.17 5.60
N LYS A 96 -14.05 -10.29 4.38
CA LYS A 96 -14.72 -11.53 3.94
C LYS A 96 -13.90 -12.20 2.85
N TRP A 97 -13.76 -13.52 2.95
CA TRP A 97 -13.03 -14.32 1.98
C TRP A 97 -13.33 -15.79 2.17
N ASP A 98 -13.59 -16.51 1.07
CA ASP A 98 -13.88 -17.94 1.11
C ASP A 98 -14.92 -18.36 2.16
N GLY A 99 -16.06 -17.67 2.19
CA GLY A 99 -17.10 -18.00 3.15
C GLY A 99 -16.79 -17.64 4.59
N LYS A 100 -15.53 -17.32 4.88
CA LYS A 100 -15.09 -16.96 6.22
C LYS A 100 -15.12 -15.44 6.40
N SER A 101 -14.98 -15.00 7.65
CA SER A 101 -14.99 -13.57 7.95
C SER A 101 -14.26 -13.23 9.26
N THR A 102 -13.59 -12.08 9.26
CA THR A 102 -12.86 -11.60 10.44
C THR A 102 -13.09 -10.11 10.63
N THR A 103 -13.15 -9.69 11.89
CA THR A 103 -13.38 -8.29 12.25
C THR A 103 -12.17 -7.71 12.97
N ILE A 104 -11.74 -6.55 12.48
CA ILE A 104 -10.61 -5.84 13.05
C ILE A 104 -11.09 -4.47 13.52
N LYS A 105 -11.28 -4.35 14.83
CA LYS A 105 -11.75 -3.13 15.46
C LYS A 105 -10.59 -2.30 15.99
N ARG A 106 -10.52 -1.05 15.56
CA ARG A 106 -9.49 -0.12 16.00
C ARG A 106 -10.17 1.00 16.78
N LYS A 107 -9.96 1.03 18.10
CA LYS A 107 -10.60 2.05 18.93
C LYS A 107 -9.62 2.84 19.81
N ARG A 108 -10.04 4.04 20.20
CA ARG A 108 -9.22 4.89 21.06
C ARG A 108 -9.62 4.72 22.52
N ASP A 109 -8.61 4.65 23.39
CA ASP A 109 -8.82 4.50 24.83
C ASP A 109 -7.72 5.28 25.53
N GLY A 110 -8.02 6.54 25.86
CA GLY A 110 -7.04 7.38 26.51
C GLY A 110 -5.95 7.78 25.55
N ASP A 111 -4.71 7.59 25.96
CA ASP A 111 -3.54 7.94 25.16
C ASP A 111 -3.12 6.85 24.17
N LYS A 112 -3.88 5.76 24.14
CA LYS A 112 -3.55 4.63 23.27
C LYS A 112 -4.62 4.25 22.24
N LEU A 113 -4.19 3.41 21.28
CA LEU A 113 -5.04 2.91 20.22
C LEU A 113 -5.10 1.39 20.40
N VAL A 114 -6.29 0.88 20.71
CA VAL A 114 -6.47 -0.55 20.89
C VAL A 114 -6.98 -1.20 19.61
N VAL A 115 -6.38 -2.33 19.25
CA VAL A 115 -6.75 -3.07 18.06
C VAL A 115 -7.19 -4.48 18.43
N GLU A 116 -8.49 -4.75 18.28
CA GLU A 116 -9.04 -6.06 18.58
C GLU A 116 -9.37 -6.80 17.28
N CYS A 117 -8.72 -7.94 17.08
CA CYS A 117 -8.94 -8.76 15.89
C CYS A 117 -9.67 -10.03 16.35
N VAL A 118 -10.87 -10.26 15.82
CA VAL A 118 -11.63 -11.46 16.20
C VAL A 118 -11.94 -12.41 15.05
N MET A 119 -11.96 -13.70 15.37
CA MET A 119 -12.22 -14.76 14.41
C MET A 119 -12.70 -15.98 15.16
N LYS A 120 -14.00 -16.26 15.06
CA LYS A 120 -14.62 -17.41 15.71
C LYS A 120 -14.36 -17.48 17.21
N GLY A 121 -14.69 -16.41 17.92
CA GLY A 121 -14.50 -16.41 19.36
C GLY A 121 -13.09 -16.07 19.83
N VAL A 122 -12.08 -16.36 19.01
CA VAL A 122 -10.70 -16.05 19.38
C VAL A 122 -10.47 -14.56 19.20
N THR A 123 -9.94 -13.91 20.23
CA THR A 123 -9.72 -12.48 20.18
C THR A 123 -8.27 -12.16 20.49
N SER A 124 -7.71 -11.23 19.71
CA SER A 124 -6.33 -10.80 19.87
C SER A 124 -6.33 -9.31 20.14
N THR A 125 -5.63 -8.89 21.19
CA THR A 125 -5.59 -7.48 21.53
C THR A 125 -4.18 -6.91 21.39
N ARG A 126 -4.04 -5.89 20.54
CA ARG A 126 -2.75 -5.24 20.34
C ARG A 126 -2.88 -3.76 20.66
N VAL A 127 -2.10 -3.30 21.64
CA VAL A 127 -2.14 -1.91 22.06
C VAL A 127 -1.05 -1.08 21.40
N TYR A 128 -1.45 0.06 20.84
CA TYR A 128 -0.53 0.96 20.17
C TYR A 128 -0.45 2.28 20.90
N GLU A 129 0.75 2.84 20.92
CA GLU A 129 1.02 4.09 21.57
C GLU A 129 1.61 5.00 20.49
N ARG A 130 1.23 6.26 20.47
CA ARG A 130 1.73 7.21 19.47
C ARG A 130 3.24 7.32 19.55
N ALA A 131 3.90 7.23 18.40
CA ALA A 131 5.35 7.34 18.33
C ALA A 131 5.81 8.78 18.56
N CYS B 1 0.88 -9.45 -19.00
CA CYS B 1 0.61 -9.02 -17.59
C CYS B 1 1.38 -9.89 -16.59
N ASP B 2 1.72 -11.11 -17.02
CA ASP B 2 2.48 -12.05 -16.21
C ASP B 2 3.98 -11.79 -16.39
N ALA B 3 4.30 -11.02 -17.43
CA ALA B 3 5.67 -10.66 -17.76
C ALA B 3 6.25 -9.62 -16.81
N PHE B 4 5.41 -9.09 -15.92
CA PHE B 4 5.84 -8.06 -14.97
C PHE B 4 6.06 -8.54 -13.55
N VAL B 5 5.50 -9.69 -13.20
CA VAL B 5 5.64 -10.25 -11.86
C VAL B 5 7.09 -10.46 -11.44
N GLY B 6 7.38 -10.14 -10.17
CA GLY B 6 8.72 -10.30 -9.62
C GLY B 6 9.26 -9.07 -8.88
N THR B 7 10.37 -9.25 -8.18
CA THR B 7 11.00 -8.14 -7.47
C THR B 7 11.98 -7.50 -8.44
N TRP B 8 11.98 -6.16 -8.47
CA TRP B 8 12.86 -5.44 -9.39
C TRP B 8 13.67 -4.34 -8.70
N LYS B 9 14.98 -4.36 -8.93
CA LYS B 9 15.90 -3.37 -8.35
C LYS B 9 16.17 -2.28 -9.40
N LEU B 10 16.30 -1.05 -8.95
CA LEU B 10 16.55 0.08 -9.84
C LEU B 10 18.05 0.09 -10.19
N VAL B 11 18.38 0.06 -11.47
CA VAL B 11 19.79 0.08 -11.86
C VAL B 11 20.21 1.34 -12.59
N SER B 12 19.22 2.12 -13.04
CA SER B 12 19.52 3.34 -13.77
C SER B 12 18.37 4.34 -13.69
N SER B 13 18.70 5.62 -13.75
CA SER B 13 17.72 6.71 -13.67
C SER B 13 18.21 7.89 -14.48
N GLU B 14 17.34 8.44 -15.33
CA GLU B 14 17.72 9.57 -16.17
C GLU B 14 16.62 10.62 -16.26
N ASN B 15 16.96 11.87 -15.94
CA ASN B 15 16.02 13.00 -15.96
C ASN B 15 14.86 12.88 -14.97
N PHE B 16 15.09 12.16 -13.87
CA PHE B 16 14.05 11.98 -12.86
C PHE B 16 13.79 13.27 -12.08
N ASP B 17 14.85 14.07 -11.89
CA ASP B 17 14.74 15.34 -11.17
C ASP B 17 13.87 16.32 -11.97
N ASP B 18 14.06 16.31 -13.29
CA ASP B 18 13.31 17.17 -14.19
C ASP B 18 11.81 16.81 -14.17
N TYR B 19 11.53 15.52 -14.07
CA TYR B 19 10.16 15.01 -14.04
C TYR B 19 9.46 15.43 -12.75
N MET B 20 10.16 15.29 -11.63
CA MET B 20 9.63 15.66 -10.31
C MET B 20 9.43 17.16 -10.24
N LYS B 21 10.36 17.92 -10.82
CA LYS B 21 10.27 19.38 -10.84
C LYS B 21 8.97 19.79 -11.53
N GLU B 22 8.63 19.06 -12.59
CA GLU B 22 7.41 19.33 -13.36
C GLU B 22 6.12 18.95 -12.63
N VAL B 23 6.11 17.80 -11.97
CA VAL B 23 4.92 17.35 -11.24
C VAL B 23 4.65 18.21 -10.00
N GLY B 24 5.62 19.07 -9.67
CA GLY B 24 5.46 19.96 -8.53
C GLY B 24 6.12 19.55 -7.23
N VAL B 25 7.10 18.65 -7.28
CA VAL B 25 7.80 18.20 -6.09
C VAL B 25 8.75 19.28 -5.58
N GLY B 26 8.77 19.45 -4.26
CA GLY B 26 9.61 20.45 -3.64
C GLY B 26 11.10 20.13 -3.67
N PHE B 27 11.87 21.18 -3.89
CA PHE B 27 13.33 21.14 -3.98
C PHE B 27 13.97 20.22 -2.94
N ALA B 28 13.53 20.34 -1.69
CA ALA B 28 14.07 19.55 -0.60
C ALA B 28 13.75 18.06 -0.72
N THR B 29 12.45 17.74 -0.78
CA THR B 29 12.02 16.35 -0.90
C THR B 29 12.43 15.75 -2.23
N ARG B 30 12.63 16.61 -3.22
CA ARG B 30 13.03 16.20 -4.57
C ARG B 30 14.45 15.65 -4.59
N LYS B 31 15.30 16.11 -3.68
CA LYS B 31 16.68 15.64 -3.61
C LYS B 31 16.77 14.37 -2.77
N VAL B 32 15.80 14.17 -1.88
CA VAL B 32 15.75 12.99 -1.02
C VAL B 32 15.24 11.82 -1.84
N ALA B 33 14.23 12.08 -2.67
CA ALA B 33 13.65 11.06 -3.54
C ALA B 33 14.59 10.69 -4.69
N GLY B 34 15.50 11.61 -5.01
CA GLY B 34 16.45 11.37 -6.08
C GLY B 34 17.59 10.48 -5.66
N MET B 35 17.77 10.29 -4.35
CA MET B 35 18.85 9.45 -3.83
C MET B 35 18.38 8.03 -3.54
N ALA B 36 17.06 7.81 -3.60
CA ALA B 36 16.50 6.49 -3.32
C ALA B 36 16.61 5.54 -4.50
N LYS B 37 16.81 4.25 -4.19
CA LYS B 37 16.91 3.18 -5.19
C LYS B 37 15.76 2.24 -4.85
N PRO B 38 14.54 2.56 -5.30
CA PRO B 38 13.33 1.76 -5.06
C PRO B 38 13.37 0.30 -5.52
N ASN B 39 12.55 -0.53 -4.88
CA ASN B 39 12.42 -1.93 -5.22
C ASN B 39 10.97 -2.21 -5.57
N MET B 40 10.67 -2.16 -6.86
CA MET B 40 9.33 -2.39 -7.37
C MET B 40 8.98 -3.88 -7.37
N ILE B 41 7.99 -4.25 -6.56
CA ILE B 41 7.56 -5.64 -6.47
C ILE B 41 6.17 -5.77 -7.08
N ILE B 42 6.08 -6.44 -8.22
CA ILE B 42 4.80 -6.63 -8.88
C ILE B 42 4.29 -8.05 -8.64
N SER B 43 3.02 -8.17 -8.30
CA SER B 43 2.42 -9.47 -8.04
C SER B 43 0.97 -9.45 -8.51
N VAL B 44 0.43 -10.63 -8.72
CA VAL B 44 -0.95 -10.78 -9.16
C VAL B 44 -1.66 -11.82 -8.30
N ASN B 45 -2.96 -11.62 -8.10
CA ASN B 45 -3.77 -12.54 -7.33
C ASN B 45 -5.13 -12.42 -7.98
N GLY B 46 -5.37 -13.24 -8.99
CA GLY B 46 -6.63 -13.17 -9.70
C GLY B 46 -6.63 -11.92 -10.56
N ASP B 47 -7.75 -11.20 -10.57
CA ASP B 47 -7.85 -9.98 -11.37
C ASP B 47 -7.26 -8.75 -10.66
N LEU B 48 -6.58 -8.97 -9.53
CA LEU B 48 -5.98 -7.87 -8.78
C LEU B 48 -4.47 -7.83 -8.96
N VAL B 49 -3.97 -6.69 -9.43
CA VAL B 49 -2.54 -6.49 -9.65
C VAL B 49 -2.00 -5.57 -8.57
N THR B 50 -0.94 -6.00 -7.90
CA THR B 50 -0.34 -5.20 -6.83
C THR B 50 1.06 -4.73 -7.22
N ILE B 51 1.31 -3.44 -7.06
CA ILE B 51 2.62 -2.86 -7.34
C ILE B 51 3.13 -2.18 -6.08
N ARG B 52 4.11 -2.80 -5.44
CA ARG B 52 4.68 -2.27 -4.21
C ARG B 52 6.09 -1.74 -4.43
N SER B 53 6.30 -0.46 -4.13
CA SER B 53 7.58 0.19 -4.28
C SER B 53 8.20 0.47 -2.91
N GLU B 54 9.33 -0.18 -2.61
CA GLU B 54 10.00 -0.01 -1.33
C GLU B 54 11.30 0.78 -1.43
N SER B 55 11.40 1.81 -0.60
CA SER B 55 12.59 2.65 -0.55
C SER B 55 12.73 3.34 0.79
N THR B 56 13.87 4.01 0.97
CA THR B 56 14.15 4.75 2.19
C THR B 56 13.31 6.03 2.24
N PHE B 57 12.98 6.56 1.07
CA PHE B 57 12.17 7.78 0.96
C PHE B 57 10.74 7.51 1.42
N LYS B 58 10.12 6.46 0.86
CA LYS B 58 8.76 6.11 1.22
C LYS B 58 8.32 4.77 0.64
N ASN B 59 7.59 4.00 1.43
CA ASN B 59 7.08 2.70 1.00
C ASN B 59 5.64 2.86 0.54
N THR B 60 5.38 2.61 -0.75
CA THR B 60 4.02 2.72 -1.30
C THR B 60 3.52 1.37 -1.82
N GLU B 61 2.20 1.27 -2.00
CA GLU B 61 1.57 0.06 -2.49
C GLU B 61 0.22 0.39 -3.12
N ILE B 62 -0.02 -0.15 -4.31
CA ILE B 62 -1.28 0.05 -4.99
C ILE B 62 -1.80 -1.26 -5.52
N SER B 63 -3.05 -1.56 -5.22
CA SER B 63 -3.72 -2.76 -5.69
C SER B 63 -4.81 -2.24 -6.61
N PHE B 64 -4.95 -2.87 -7.76
CA PHE B 64 -5.92 -2.41 -8.75
C PHE B 64 -6.30 -3.46 -9.77
N LYS B 65 -7.33 -3.14 -10.52
CA LYS B 65 -7.84 -3.97 -11.59
C LYS B 65 -7.60 -3.18 -12.87
N LEU B 66 -7.19 -3.87 -13.94
CA LEU B 66 -6.94 -3.21 -15.22
C LEU B 66 -8.17 -2.48 -15.74
N GLY B 67 -7.96 -1.29 -16.29
CA GLY B 67 -9.06 -0.51 -16.84
C GLY B 67 -10.09 0.05 -15.90
N VAL B 68 -9.96 -0.21 -14.60
CA VAL B 68 -10.91 0.33 -13.63
C VAL B 68 -10.29 1.44 -12.79
N GLU B 69 -10.84 2.64 -12.93
CA GLU B 69 -10.38 3.82 -12.22
C GLU B 69 -10.36 3.65 -10.70
N PHE B 70 -9.29 4.13 -10.07
CA PHE B 70 -9.14 4.04 -8.63
C PHE B 70 -8.47 5.29 -8.05
N ASP B 71 -8.60 5.49 -6.74
CA ASP B 71 -8.01 6.63 -6.05
C ASP B 71 -6.61 6.26 -5.56
N GLU B 72 -5.67 7.19 -5.73
CA GLU B 72 -4.29 6.95 -5.33
C GLU B 72 -3.63 8.15 -4.67
N ILE B 73 -2.85 7.87 -3.64
CA ILE B 73 -2.10 8.90 -2.94
C ILE B 73 -0.65 8.56 -3.28
N THR B 74 -0.07 9.37 -4.16
CA THR B 74 1.29 9.14 -4.62
C THR B 74 2.34 9.25 -3.52
N ALA B 75 3.57 8.88 -3.87
CA ALA B 75 4.70 8.92 -2.95
C ALA B 75 4.93 10.36 -2.50
N ASP B 76 4.71 11.32 -3.39
CA ASP B 76 4.89 12.73 -3.06
C ASP B 76 3.58 13.35 -2.55
N ASP B 77 2.73 12.48 -2.01
CA ASP B 77 1.45 12.87 -1.44
C ASP B 77 0.49 13.70 -2.29
N ARG B 78 0.22 13.22 -3.49
CA ARG B 78 -0.73 13.85 -4.40
C ARG B 78 -1.92 12.93 -4.36
N LYS B 79 -3.13 13.50 -4.35
CA LYS B 79 -4.35 12.70 -4.33
C LYS B 79 -4.85 12.67 -5.77
N VAL B 80 -4.47 11.61 -6.50
CA VAL B 80 -4.85 11.45 -7.90
C VAL B 80 -5.89 10.35 -8.16
N LYS B 81 -6.34 10.29 -9.42
CA LYS B 81 -7.29 9.29 -9.91
C LYS B 81 -6.47 8.54 -10.95
N SER B 82 -6.30 7.23 -10.76
CA SER B 82 -5.50 6.44 -11.68
C SER B 82 -6.28 5.40 -12.48
N ILE B 83 -5.75 5.09 -13.66
CA ILE B 83 -6.32 4.07 -14.55
C ILE B 83 -5.11 3.39 -15.19
N ILE B 84 -4.97 2.09 -14.95
CA ILE B 84 -3.88 1.34 -15.54
C ILE B 84 -4.43 0.35 -16.54
N THR B 85 -3.89 0.38 -17.75
CA THR B 85 -4.33 -0.50 -18.82
C THR B 85 -3.15 -1.22 -19.47
N LEU B 86 -3.45 -2.24 -20.26
CA LEU B 86 -2.44 -2.98 -20.97
C LEU B 86 -2.56 -2.48 -22.41
N ASP B 87 -1.77 -1.46 -22.73
CA ASP B 87 -1.76 -0.84 -24.05
C ASP B 87 -0.46 -1.17 -24.76
N GLY B 88 -0.57 -1.79 -25.94
CA GLY B 88 0.62 -2.15 -26.70
C GLY B 88 1.60 -3.03 -25.95
N GLY B 89 1.08 -3.96 -25.14
CA GLY B 89 1.95 -4.84 -24.38
C GLY B 89 2.53 -4.22 -23.11
N ALA B 90 2.45 -2.91 -22.99
CA ALA B 90 2.97 -2.20 -21.82
C ALA B 90 1.87 -1.90 -20.81
N LEU B 91 2.28 -1.71 -19.56
CA LEU B 91 1.37 -1.37 -18.46
C LEU B 91 1.38 0.16 -18.43
N VAL B 92 0.39 0.79 -19.05
CA VAL B 92 0.32 2.25 -19.08
C VAL B 92 -0.56 2.79 -17.95
N GLN B 93 0.02 3.68 -17.16
CA GLN B 93 -0.71 4.29 -16.06
C GLN B 93 -0.89 5.79 -16.22
N VAL B 94 -2.15 6.24 -16.11
CA VAL B 94 -2.46 7.65 -16.21
C VAL B 94 -3.03 8.16 -14.89
N GLN B 95 -2.34 9.15 -14.31
CA GLN B 95 -2.76 9.77 -13.05
C GLN B 95 -3.32 11.15 -13.37
N LYS B 96 -4.47 11.50 -12.79
CA LYS B 96 -5.10 12.81 -13.01
C LYS B 96 -5.39 13.55 -11.70
N TRP B 97 -4.98 14.81 -11.64
CA TRP B 97 -5.20 15.63 -10.45
C TRP B 97 -5.17 17.11 -10.78
N ASP B 98 -6.18 17.84 -10.31
CA ASP B 98 -6.31 19.28 -10.52
C ASP B 98 -6.10 19.71 -11.97
N GLY B 99 -6.82 19.07 -12.89
CA GLY B 99 -6.69 19.40 -14.30
C GLY B 99 -5.40 18.94 -14.94
N LYS B 100 -4.47 18.45 -14.12
CA LYS B 100 -3.19 17.96 -14.61
C LYS B 100 -3.23 16.45 -14.84
N SER B 101 -2.29 15.94 -15.62
CA SER B 101 -2.21 14.53 -15.94
C SER B 101 -0.80 14.14 -16.32
N THR B 102 -0.40 12.94 -15.88
CA THR B 102 0.93 12.41 -16.17
C THR B 102 0.79 10.91 -16.47
N THR B 103 1.62 10.40 -17.37
CA THR B 103 1.55 8.97 -17.70
C THR B 103 2.85 8.27 -17.35
N ILE B 104 2.71 7.13 -16.68
CA ILE B 104 3.84 6.31 -16.27
C ILE B 104 3.67 5.03 -17.08
N LYS B 105 4.65 4.73 -17.91
CA LYS B 105 4.62 3.56 -18.78
C LYS B 105 5.61 2.49 -18.35
N ARG B 106 5.11 1.32 -17.91
CA ARG B 106 5.98 0.22 -17.48
C ARG B 106 6.05 -0.86 -18.57
N LYS B 107 7.22 -1.03 -19.18
CA LYS B 107 7.39 -2.02 -20.24
C LYS B 107 8.61 -2.92 -20.06
N ARG B 108 8.56 -4.06 -20.73
CA ARG B 108 9.64 -5.05 -20.70
C ARG B 108 10.52 -4.89 -21.94
N ASP B 109 11.81 -4.67 -21.74
CA ASP B 109 12.72 -4.53 -22.86
C ASP B 109 13.85 -5.53 -22.69
N GLY B 110 13.54 -6.80 -22.98
CA GLY B 110 14.52 -7.85 -22.85
C GLY B 110 14.50 -8.42 -21.44
N ASP B 111 15.64 -8.37 -20.77
CA ASP B 111 15.77 -8.89 -19.42
C ASP B 111 15.48 -7.79 -18.39
N LYS B 112 15.17 -6.59 -18.89
CA LYS B 112 14.92 -5.46 -18.02
C LYS B 112 13.51 -4.87 -18.09
N LEU B 113 13.15 -4.10 -17.06
CA LEU B 113 11.85 -3.44 -16.95
C LEU B 113 12.11 -1.94 -17.05
N VAL B 114 11.60 -1.33 -18.11
CA VAL B 114 11.78 0.10 -18.33
C VAL B 114 10.52 0.85 -17.92
N VAL B 115 10.73 2.00 -17.27
CA VAL B 115 9.63 2.83 -16.82
C VAL B 115 9.81 4.24 -17.38
N GLU B 116 8.84 4.69 -18.16
CA GLU B 116 8.89 6.03 -18.75
C GLU B 116 7.84 6.95 -18.13
N CYS B 117 8.29 7.91 -17.34
CA CYS B 117 7.38 8.87 -16.71
C CYS B 117 7.37 10.14 -17.55
N VAL B 118 6.19 10.55 -17.99
CA VAL B 118 6.06 11.74 -18.83
C VAL B 118 5.10 12.76 -18.21
N MET B 119 5.50 14.02 -18.24
CA MET B 119 4.68 15.11 -17.70
C MET B 119 4.90 16.35 -18.55
N LYS B 120 3.99 16.57 -19.50
CA LYS B 120 4.07 17.72 -20.40
C LYS B 120 5.46 17.96 -20.97
N GLY B 121 5.84 17.15 -21.94
CA GLY B 121 7.14 17.29 -22.57
C GLY B 121 8.27 16.48 -21.97
N VAL B 122 8.66 16.80 -20.73
CA VAL B 122 9.75 16.09 -20.06
C VAL B 122 9.47 14.61 -19.80
N THR B 123 10.46 13.78 -20.10
CA THR B 123 10.36 12.33 -19.93
C THR B 123 11.50 11.78 -19.08
N SER B 124 11.14 11.03 -18.04
CA SER B 124 12.12 10.40 -17.17
C SER B 124 12.16 8.93 -17.56
N THR B 125 13.31 8.29 -17.37
CA THR B 125 13.45 6.88 -17.72
C THR B 125 14.20 6.17 -16.62
N ARG B 126 13.53 5.21 -15.97
CA ARG B 126 14.14 4.44 -14.90
C ARG B 126 14.07 2.98 -15.32
N VAL B 127 15.24 2.34 -15.38
CA VAL B 127 15.29 0.94 -15.78
C VAL B 127 15.62 0.02 -14.62
N TYR B 128 14.78 -0.99 -14.47
CA TYR B 128 14.92 -1.97 -13.41
C TYR B 128 15.55 -3.27 -13.90
N GLU B 129 15.81 -4.16 -12.96
CA GLU B 129 16.44 -5.44 -13.23
C GLU B 129 15.96 -6.38 -12.14
N ARG B 130 15.71 -7.65 -12.48
CA ARG B 130 15.26 -8.63 -11.49
C ARG B 130 16.21 -8.65 -10.30
N ALA B 131 15.65 -8.70 -9.10
CA ALA B 131 16.45 -8.71 -7.88
C ALA B 131 16.84 -10.12 -7.46
#